data_7MBO
#
_entry.id   7MBO
#
_cell.length_a   39.025
_cell.length_b   69.588
_cell.length_c   85.127
_cell.angle_alpha   90
_cell.angle_beta   90
_cell.angle_gamma   90
#
_symmetry.space_group_name_H-M   'P 21 21 21'
#
loop_
_entity.id
_entity.type
_entity.pdbx_description
1 polymer 'Coagulation factor XIa light chain'
2 non-polymer 2-acetamido-2-deoxy-beta-D-glucopyranose
3 non-polymer Milvexian
4 water water
#
_entity_poly.entity_id   1
_entity_poly.type   'polypeptide(L)'
_entity_poly.pdbx_seq_one_letter_code
;IVGGTASVRGEWPWQVTLHTTSPTQRHLCGGSIIGNQWILTAAHCFYGVESPKILRVYSGILNQSEIKEDTSFFGVQEII
IHDQYKMAESGYDIALLKLETTVNYTDSQRPISLPSKGDRNVIYTDCWVTGWGYRKLRDKIQNTLQKAKIPLVTNEECQK
RYRGHKITHKMICAGYREGGKDACKGDSGGPLSCKHNEVWHLVGITSWGEGCAQRERPGVYTNVVEYVDWILEKTQAV
;
_entity_poly.pdbx_strand_id   A
#
loop_
_chem_comp.id
_chem_comp.type
_chem_comp.name
_chem_comp.formula
NAG D-saccharide, beta linking 2-acetamido-2-deoxy-beta-D-glucopyranose 'C8 H15 N O6'
YXG non-polymer Milvexian 'C28 H23 Cl2 F2 N9 O2'
#
# COMPACT_ATOMS: atom_id res chain seq x y z
N ILE A 1 -3.22 -11.03 1.97
CA ILE A 1 -4.62 -10.75 1.68
C ILE A 1 -5.46 -11.96 2.09
N VAL A 2 -6.40 -11.73 3.00
CA VAL A 2 -7.33 -12.78 3.40
C VAL A 2 -8.44 -12.83 2.37
N GLY A 3 -8.81 -14.03 1.93
CA GLY A 3 -9.94 -14.18 1.03
C GLY A 3 -9.82 -13.57 -0.32
N GLY A 4 -8.59 -13.45 -0.77
CA GLY A 4 -8.31 -12.93 -2.08
C GLY A 4 -8.09 -14.03 -3.09
N THR A 5 -7.73 -13.60 -4.28
CA THR A 5 -7.49 -14.49 -5.39
C THR A 5 -6.25 -14.01 -6.15
N ALA A 6 -5.70 -14.92 -6.96
CA ALA A 6 -4.49 -14.63 -7.68
C ALA A 6 -4.68 -13.54 -8.70
N SER A 7 -3.70 -12.65 -8.78
CA SER A 7 -3.63 -11.67 -9.85
C SER A 7 -2.93 -12.30 -11.06
N VAL A 8 -3.01 -11.62 -12.19
CA VAL A 8 -2.32 -12.03 -13.41
C VAL A 8 -1.23 -11.03 -13.74
N ARG A 9 -0.32 -11.43 -14.63
CA ARG A 9 0.76 -10.55 -15.06
C ARG A 9 0.18 -9.28 -15.67
N GLY A 10 0.70 -8.15 -15.24
CA GLY A 10 0.26 -6.87 -15.77
C GLY A 10 -1.02 -6.34 -15.20
N GLU A 11 -1.64 -7.02 -14.24
CA GLU A 11 -2.92 -6.57 -13.68
C GLU A 11 -2.77 -5.34 -12.81
N TRP A 12 -1.71 -5.30 -11.99
CA TRP A 12 -1.50 -4.22 -11.00
C TRP A 12 -0.13 -3.61 -11.21
N PRO A 13 0.07 -2.89 -12.33
CA PRO A 13 1.44 -2.50 -12.71
C PRO A 13 2.06 -1.43 -11.85
N TRP A 14 1.28 -0.78 -10.98
CA TRP A 14 1.83 0.16 -10.01
C TRP A 14 2.28 -0.54 -8.72
N GLN A 15 1.87 -1.78 -8.47
CA GLN A 15 2.25 -2.47 -7.25
C GLN A 15 3.71 -2.85 -7.30
N VAL A 16 4.45 -2.56 -6.22
CA VAL A 16 5.81 -3.05 -6.06
C VAL A 16 5.89 -3.88 -4.79
N THR A 17 6.96 -4.69 -4.72
CA THR A 17 7.37 -5.36 -3.52
C THR A 17 8.69 -4.72 -3.09
N LEU A 18 8.69 -4.16 -1.88
CA LEU A 18 9.85 -3.52 -1.27
C LEU A 18 10.55 -4.58 -0.45
N HIS A 19 11.81 -4.87 -0.79
CA HIS A 19 12.64 -5.79 -0.06
C HIS A 19 13.66 -5.00 0.72
N THR A 20 14.07 -5.61 1.83
CA THR A 20 15.26 -5.22 2.55
C THR A 20 16.29 -6.31 2.32
N THR A 21 17.59 -5.97 2.23
CA THR A 21 18.65 -6.98 2.10
C THR A 21 19.31 -7.31 3.41
N SER A 22 18.98 -6.62 4.51
CA SER A 22 19.62 -6.83 5.79
C SER A 22 18.68 -7.29 6.88
N PRO A 23 19.09 -8.29 7.65
CA PRO A 23 20.34 -9.08 7.55
C PRO A 23 20.40 -10.03 6.36
N THR A 24 19.23 -10.48 5.90
CA THR A 24 19.04 -11.33 4.73
C THR A 24 17.91 -10.72 3.90
N GLN A 25 17.89 -11.04 2.62
CA GLN A 25 16.90 -10.44 1.74
C GLN A 25 15.50 -11.00 1.95
N ARG A 26 14.51 -10.10 2.11
CA ARG A 26 13.14 -10.52 2.24
C ARG A 26 12.21 -9.40 1.83
N HIS A 27 11.00 -9.79 1.49
CA HIS A 27 9.89 -8.85 1.29
C HIS A 27 9.59 -8.17 2.64
N LEU A 28 9.45 -6.84 2.60
CA LEU A 28 9.16 -6.03 3.76
C LEU A 28 7.75 -5.44 3.68
N CYS A 29 7.38 -4.84 2.55
CA CYS A 29 6.13 -4.09 2.43
C CYS A 29 5.75 -4.01 0.97
N GLY A 30 4.49 -3.69 0.73
CA GLY A 30 4.09 -3.24 -0.57
C GLY A 30 4.39 -1.75 -0.77
N GLY A 31 4.14 -1.28 -1.97
CA GLY A 31 4.22 0.14 -2.31
C GLY A 31 3.61 0.34 -3.68
N SER A 32 3.51 1.62 -4.09
CA SER A 32 2.91 1.97 -5.36
C SER A 32 3.79 2.95 -6.12
N ILE A 33 4.00 2.67 -7.41
CA ILE A 33 4.65 3.66 -8.28
C ILE A 33 3.69 4.82 -8.48
N ILE A 34 4.14 6.04 -8.16
CA ILE A 34 3.32 7.24 -8.39
C ILE A 34 3.97 8.25 -9.31
N GLY A 35 5.22 8.04 -9.69
CA GLY A 35 5.94 8.96 -10.53
C GLY A 35 7.21 8.36 -11.01
N ASN A 36 7.91 9.13 -11.81
CA ASN A 36 9.07 8.69 -12.54
C ASN A 36 10.18 8.17 -11.69
N GLN A 37 10.28 8.58 -10.42
CA GLN A 37 11.32 8.11 -9.52
C GLN A 37 10.74 7.96 -8.10
N TRP A 38 9.45 7.63 -7.99
CA TRP A 38 8.77 7.74 -6.72
C TRP A 38 7.85 6.59 -6.42
N ILE A 39 8.04 6.03 -5.21
CA ILE A 39 7.17 5.02 -4.63
C ILE A 39 6.48 5.61 -3.41
N LEU A 40 5.16 5.42 -3.32
CA LEU A 40 4.40 5.82 -2.13
C LEU A 40 4.12 4.54 -1.33
N THR A 41 4.38 4.60 -0.01
CA THR A 41 4.23 3.45 0.86
C THR A 41 3.90 3.95 2.27
N ALA A 42 3.96 3.04 3.26
CA ALA A 42 3.63 3.38 4.64
C ALA A 42 4.89 3.68 5.45
N ALA A 43 4.81 4.73 6.27
CA ALA A 43 5.92 5.09 7.14
C ALA A 43 6.31 3.97 8.10
N HIS A 44 5.33 3.19 8.58
CA HIS A 44 5.66 2.16 9.57
C HIS A 44 6.57 1.06 9.00
N CYS A 45 6.66 0.96 7.67
CA CYS A 45 7.53 -0.03 7.06
C CYS A 45 8.99 0.13 7.45
N PHE A 46 9.39 1.35 7.80
CA PHE A 46 10.79 1.68 8.01
C PHE A 46 11.25 1.67 9.44
N TYR A 47 10.45 1.13 10.34
CA TYR A 47 10.78 1.08 11.76
C TYR A 47 12.19 0.51 12.04
N GLY A 48 12.53 -0.60 11.40
CA GLY A 48 13.83 -1.23 11.61
C GLY A 48 14.82 -1.10 10.47
N VAL A 49 14.62 -0.16 9.56
CA VAL A 49 15.46 0.05 8.38
C VAL A 49 16.56 1.02 8.73
N GLU A 50 17.82 0.54 8.76
CA GLU A 50 18.96 1.36 9.12
C GLU A 50 19.37 2.43 8.09
N SER A 51 19.10 2.20 6.80
CA SER A 51 19.54 3.13 5.74
C SER A 51 18.81 2.84 4.42
N PRO A 52 18.73 3.80 3.48
CA PRO A 52 18.13 3.48 2.18
C PRO A 52 18.95 2.49 1.36
N LYS A 53 20.25 2.33 1.65
CA LYS A 53 21.12 1.42 0.88
C LYS A 53 20.70 -0.03 0.93
N ILE A 54 19.96 -0.43 1.98
CA ILE A 54 19.53 -1.82 2.11
C ILE A 54 18.19 -2.13 1.44
N LEU A 55 17.56 -1.14 0.82
CA LEU A 55 16.28 -1.35 0.19
C LEU A 55 16.39 -1.66 -1.29
N ARG A 56 15.49 -2.50 -1.78
CA ARG A 56 15.36 -2.77 -3.20
C ARG A 56 13.89 -2.74 -3.54
N VAL A 57 13.55 -2.03 -4.60
CA VAL A 57 12.18 -1.96 -5.07
C VAL A 57 12.07 -2.81 -6.32
N TYR A 58 11.21 -3.83 -6.27
CA TYR A 58 10.99 -4.68 -7.41
C TYR A 58 9.61 -4.37 -8.00
N SER A 59 9.62 -3.94 -9.28
CA SER A 59 8.43 -3.68 -10.05
C SER A 59 8.30 -4.74 -11.12
N GLY A 60 7.11 -4.84 -11.68
CA GLY A 60 6.86 -5.80 -12.73
C GLY A 60 6.91 -7.25 -12.27
N ILE A 61 6.71 -7.49 -10.95
CA ILE A 61 6.73 -8.83 -10.32
C ILE A 61 5.33 -9.31 -10.09
N LEU A 62 5.06 -10.52 -10.53
CA LEU A 62 3.84 -11.19 -10.12
C LEU A 62 4.16 -12.15 -8.95
N ASN A 63 5.16 -13.00 -9.13
CA ASN A 63 5.54 -14.03 -8.18
C ASN A 63 6.83 -13.71 -7.49
N GLN A 64 6.84 -13.82 -6.14
CA GLN A 64 8.06 -13.59 -5.39
C GLN A 64 9.20 -14.50 -5.85
N SER A 65 8.89 -15.70 -6.33
CA SER A 65 9.92 -16.62 -6.83
C SER A 65 10.64 -16.08 -8.09
N GLU A 66 10.12 -15.02 -8.72
CA GLU A 66 10.79 -14.35 -9.84
C GLU A 66 12.02 -13.58 -9.36
N ILE A 67 12.12 -13.28 -8.07
CA ILE A 67 13.17 -12.41 -7.56
C ILE A 67 14.39 -13.21 -7.24
N LYS A 68 15.40 -13.12 -8.14
CA LYS A 68 16.65 -13.82 -8.11
C LYS A 68 17.80 -12.81 -8.27
N GLU A 69 19.05 -13.29 -8.20
CA GLU A 69 20.21 -12.40 -8.23
C GLU A 69 20.24 -11.39 -9.38
N ASP A 70 19.90 -11.81 -10.60
CA ASP A 70 19.96 -10.91 -11.76
C ASP A 70 18.66 -10.20 -12.08
N THR A 71 17.63 -10.33 -11.23
CA THR A 71 16.37 -9.66 -11.46
C THR A 71 16.56 -8.17 -11.29
N SER A 72 16.04 -7.39 -12.24
CA SER A 72 16.14 -5.94 -12.21
C SER A 72 15.39 -5.38 -11.01
N PHE A 73 15.96 -4.35 -10.39
CA PHE A 73 15.33 -3.65 -9.29
C PHE A 73 15.76 -2.20 -9.32
N PHE A 74 15.04 -1.39 -8.55
CA PHE A 74 15.39 -0.01 -8.36
C PHE A 74 15.96 0.17 -6.96
N GLY A 75 17.10 0.85 -6.89
CA GLY A 75 17.66 1.26 -5.62
C GLY A 75 16.94 2.48 -5.08
N VAL A 76 17.13 2.75 -3.79
CA VAL A 76 16.49 3.86 -3.10
C VAL A 76 17.56 4.86 -2.67
N GLN A 77 17.40 6.09 -3.11
CA GLN A 77 18.28 7.21 -2.80
C GLN A 77 17.88 7.84 -1.45
N GLU A 78 16.58 7.92 -1.17
CA GLU A 78 16.10 8.60 0.02
C GLU A 78 14.79 8.01 0.49
N ILE A 79 14.62 7.95 1.81
CA ILE A 79 13.38 7.58 2.47
C ILE A 79 12.83 8.87 3.08
N ILE A 80 11.61 9.24 2.71
CA ILE A 80 10.98 10.46 3.20
C ILE A 80 9.74 10.07 4.00
N ILE A 81 9.82 10.22 5.31
CA ILE A 81 8.73 9.88 6.21
C ILE A 81 8.03 11.14 6.64
N HIS A 82 6.69 11.14 6.67
CA HIS A 82 5.95 12.31 7.12
C HIS A 82 6.43 12.75 8.53
N ASP A 83 6.76 14.02 8.70
CA ASP A 83 7.38 14.44 9.95
C ASP A 83 6.42 14.45 11.15
N GLN A 84 5.12 14.21 10.95
CA GLN A 84 4.18 14.06 12.07
C GLN A 84 3.93 12.60 12.44
N TYR A 85 4.48 11.65 11.67
CA TYR A 85 4.28 10.24 11.94
C TYR A 85 4.94 9.81 13.24
N LYS A 86 4.20 9.03 14.03
CA LYS A 86 4.67 8.39 15.24
C LYS A 86 4.40 6.86 15.21
N MET A 87 3.18 6.46 14.87
CA MET A 87 2.78 5.04 14.86
C MET A 87 1.58 4.91 13.93
N ALA A 88 1.39 3.74 13.33
CA ALA A 88 0.33 3.59 12.33
C ALA A 88 -1.06 4.06 12.84
N GLU A 89 -1.41 3.64 14.07
CA GLU A 89 -2.74 3.92 14.59
C GLU A 89 -3.01 5.37 14.89
N SER A 90 -1.97 6.22 14.96
CA SER A 90 -2.16 7.65 15.16
C SER A 90 -2.03 8.45 13.87
N GLY A 91 -2.02 7.78 12.73
CA GLY A 91 -2.07 8.45 11.46
C GLY A 91 -0.75 8.93 10.91
N TYR A 92 -0.83 9.71 9.84
CA TYR A 92 0.34 10.23 9.13
C TYR A 92 1.22 9.06 8.63
N ASP A 93 0.60 7.91 8.33
CA ASP A 93 1.35 6.73 7.98
C ASP A 93 1.60 6.71 6.48
N ILE A 94 2.59 7.52 6.09
CA ILE A 94 2.85 7.77 4.69
C ILE A 94 4.34 8.08 4.53
N ALA A 95 4.91 7.54 3.47
CA ALA A 95 6.31 7.71 3.17
C ALA A 95 6.51 7.63 1.66
N LEU A 96 7.55 8.33 1.20
CA LEU A 96 8.00 8.26 -0.17
C LEU A 96 9.39 7.64 -0.22
N LEU A 97 9.62 6.84 -1.28
CA LEU A 97 10.95 6.40 -1.61
C LEU A 97 11.33 7.10 -2.91
N LYS A 98 12.44 7.84 -2.87
CA LYS A 98 13.01 8.45 -4.07
C LYS A 98 13.98 7.42 -4.62
N LEU A 99 13.74 6.95 -5.84
CA LEU A 99 14.54 5.93 -6.46
C LEU A 99 15.84 6.50 -7.01
N GLU A 100 16.86 5.63 -7.12
CA GLU A 100 18.16 5.99 -7.66
C GLU A 100 18.14 6.30 -9.15
N THR A 101 17.13 5.82 -9.87
CA THR A 101 16.97 6.12 -11.28
C THR A 101 15.51 6.41 -11.55
N THR A 102 15.24 6.94 -12.75
CA THR A 102 13.89 7.01 -13.22
C THR A 102 13.41 5.60 -13.64
N VAL A 103 12.10 5.47 -13.78
CA VAL A 103 11.40 4.24 -14.14
C VAL A 103 10.89 4.39 -15.57
N ASN A 104 11.28 3.48 -16.46
CA ASN A 104 10.73 3.49 -17.82
C ASN A 104 9.43 2.70 -17.73
N TYR A 105 8.34 3.35 -18.10
CA TYR A 105 7.04 2.76 -17.95
C TYR A 105 6.75 1.78 -19.07
N THR A 106 6.11 0.69 -18.69
CA THR A 106 5.62 -0.35 -19.57
C THR A 106 4.25 -0.82 -19.00
N ASP A 107 3.59 -1.74 -19.71
CA ASP A 107 2.37 -2.36 -19.22
C ASP A 107 2.56 -3.09 -17.90
N SER A 108 3.80 -3.46 -17.52
CA SER A 108 4.02 -4.14 -16.24
C SER A 108 4.57 -3.23 -15.16
N GLN A 109 4.90 -1.97 -15.48
CA GLN A 109 5.33 -1.03 -14.46
C GLN A 109 4.96 0.38 -14.91
N ARG A 110 3.96 0.96 -14.24
CA ARG A 110 3.50 2.29 -14.61
C ARG A 110 2.85 2.92 -13.38
N PRO A 111 2.75 4.24 -13.36
CA PRO A 111 2.26 4.90 -12.15
C PRO A 111 0.76 4.87 -12.03
N ILE A 112 0.30 4.87 -10.80
CA ILE A 112 -1.12 5.06 -10.51
C ILE A 112 -1.34 6.53 -10.17
N SER A 113 -2.42 7.09 -10.70
CA SER A 113 -2.83 8.46 -10.44
CA SER A 113 -2.77 8.47 -10.42
C SER A 113 -3.17 8.64 -8.96
N LEU A 114 -2.85 9.80 -8.42
CA LEU A 114 -3.32 10.14 -7.11
C LEU A 114 -4.84 10.45 -7.26
N PRO A 115 -5.60 10.39 -6.17
CA PRO A 115 -7.00 10.81 -6.24
C PRO A 115 -7.05 12.28 -6.56
N SER A 116 -8.09 12.65 -7.28
CA SER A 116 -8.33 14.03 -7.63
C SER A 116 -8.76 14.77 -6.37
N LYS A 117 -8.22 15.97 -6.12
CA LYS A 117 -8.66 16.77 -4.97
C LYS A 117 -10.18 17.11 -5.07
N GLY A 118 -10.73 17.16 -6.30
CA GLY A 118 -12.16 17.37 -6.52
C GLY A 118 -13.01 16.20 -6.08
N ASP A 119 -12.42 14.98 -6.01
CA ASP A 119 -13.10 13.76 -5.55
C ASP A 119 -12.83 13.47 -4.06
N ARG A 120 -12.45 14.48 -3.28
CA ARG A 120 -12.13 14.35 -1.85
C ARG A 120 -13.13 13.49 -1.05
N ASN A 121 -14.44 13.74 -1.23
CA ASN A 121 -15.49 13.03 -0.49
C ASN A 121 -16.18 11.92 -1.29
N VAL A 122 -15.63 11.52 -2.44
CA VAL A 122 -16.24 10.49 -3.27
C VAL A 122 -16.23 9.13 -2.58
N ILE A 123 -17.38 8.43 -2.59
CA ILE A 123 -17.49 7.08 -2.05
C ILE A 123 -17.29 6.13 -3.22
N TYR A 124 -16.05 5.79 -3.47
CA TYR A 124 -15.65 4.89 -4.55
C TYR A 124 -16.27 3.50 -4.36
N THR A 125 -16.70 2.81 -5.44
CA THR A 125 -17.32 1.47 -5.30
C THR A 125 -16.61 0.36 -6.07
N ASP A 126 -15.39 0.60 -6.58
CA ASP A 126 -14.64 -0.44 -7.28
C ASP A 126 -13.21 -0.40 -6.76
N CYS A 127 -13.05 -0.81 -5.49
CA CYS A 127 -11.79 -0.72 -4.76
C CYS A 127 -11.24 -2.09 -4.45
N TRP A 128 -9.90 -2.19 -4.56
CA TRP A 128 -9.19 -3.45 -4.44
C TRP A 128 -7.95 -3.26 -3.59
N VAL A 129 -7.72 -4.22 -2.68
CA VAL A 129 -6.51 -4.28 -1.90
C VAL A 129 -5.67 -5.44 -2.45
N THR A 130 -4.36 -5.20 -2.60
CA THR A 130 -3.45 -6.16 -3.22
C THR A 130 -2.20 -6.35 -2.39
N GLY A 131 -1.61 -7.53 -2.49
CA GLY A 131 -0.34 -7.77 -1.84
C GLY A 131 0.02 -9.22 -1.76
N TRP A 132 1.23 -9.45 -1.23
CA TRP A 132 1.80 -10.77 -1.02
C TRP A 132 1.69 -11.23 0.45
N GLY A 133 0.85 -10.56 1.23
CA GLY A 133 0.74 -10.87 2.64
C GLY A 133 0.02 -12.16 2.94
N TYR A 134 -0.07 -12.42 4.24
CA TYR A 134 -0.69 -13.61 4.79
C TYR A 134 -2.15 -13.73 4.40
N ARG A 135 -2.64 -14.97 4.34
CA ARG A 135 -4.04 -15.30 4.06
CA ARG A 135 -4.03 -15.28 4.07
C ARG A 135 -4.83 -15.48 5.37
N LYS A 136 -4.15 -15.55 6.52
CA LYS A 136 -4.70 -15.72 7.85
C LYS A 136 -3.65 -15.21 8.85
N LEU A 137 -4.02 -15.01 10.09
CA LEU A 137 -3.12 -14.42 11.09
C LEU A 137 -1.74 -15.11 11.19
N ARG A 138 -1.73 -16.47 11.20
CA ARG A 138 -0.49 -17.24 11.22
C ARG A 138 -0.37 -17.92 9.88
N ASP A 139 0.48 -17.38 9.02
CA ASP A 139 0.62 -17.90 7.66
C ASP A 139 2.04 -17.62 7.16
N LYS A 140 2.18 -17.32 5.87
CA LYS A 140 3.44 -17.04 5.24
C LYS A 140 3.19 -16.04 4.14
N ILE A 141 4.25 -15.39 3.70
CA ILE A 141 4.19 -14.52 2.52
C ILE A 141 3.82 -15.41 1.32
N GLN A 142 2.90 -14.92 0.50
CA GLN A 142 2.42 -15.63 -0.65
C GLN A 142 3.33 -15.42 -1.84
N ASN A 143 3.42 -16.45 -2.69
CA ASN A 143 4.22 -16.33 -3.91
C ASN A 143 3.55 -15.35 -4.90
N THR A 144 2.28 -15.59 -5.25
CA THR A 144 1.61 -14.81 -6.27
C THR A 144 0.87 -13.65 -5.65
N LEU A 145 1.02 -12.47 -6.23
CA LEU A 145 0.30 -11.27 -5.79
C LEU A 145 -1.21 -11.55 -5.73
N GLN A 146 -1.83 -11.30 -4.58
CA GLN A 146 -3.25 -11.52 -4.39
C GLN A 146 -4.00 -10.22 -4.45
N LYS A 147 -5.31 -10.33 -4.76
CA LYS A 147 -6.20 -9.20 -4.80
C LYS A 147 -7.50 -9.55 -4.07
N ALA A 148 -8.17 -8.51 -3.56
CA ALA A 148 -9.49 -8.65 -2.99
C ALA A 148 -10.25 -7.36 -3.21
N LYS A 149 -11.49 -7.47 -3.66
CA LYS A 149 -12.37 -6.32 -3.79
C LYS A 149 -12.96 -6.08 -2.40
N ILE A 150 -12.84 -4.87 -1.89
CA ILE A 150 -13.32 -4.54 -0.56
C ILE A 150 -14.07 -3.21 -0.61
N PRO A 151 -15.20 -3.12 0.11
CA PRO A 151 -15.97 -1.86 0.11
C PRO A 151 -15.43 -0.88 1.11
N LEU A 152 -15.58 0.39 0.79
CA LEU A 152 -15.26 1.44 1.74
C LEU A 152 -16.35 1.49 2.80
N VAL A 153 -15.95 1.79 4.03
CA VAL A 153 -16.80 1.91 5.21
C VAL A 153 -16.70 3.36 5.67
N THR A 154 -17.82 4.02 6.02
CA THR A 154 -17.74 5.43 6.45
C THR A 154 -16.85 5.58 7.65
N ASN A 155 -16.24 6.75 7.78
CA ASN A 155 -15.42 7.00 8.96
C ASN A 155 -16.27 6.91 10.25
N GLU A 156 -17.55 7.32 10.17
CA GLU A 156 -18.46 7.23 11.32
C GLU A 156 -18.61 5.76 11.76
N GLU A 157 -18.89 4.85 10.82
CA GLU A 157 -19.03 3.43 11.20
C GLU A 157 -17.70 2.88 11.67
N CYS A 158 -16.62 3.22 10.96
CA CYS A 158 -15.28 2.75 11.33
C CYS A 158 -14.92 3.14 12.76
N GLN A 159 -15.22 4.37 13.13
CA GLN A 159 -14.91 4.86 14.47
C GLN A 159 -15.64 4.04 15.53
N LYS A 160 -16.88 3.60 15.25
CA LYS A 160 -17.62 2.76 16.20
C LYS A 160 -16.90 1.44 16.48
N ARG A 161 -16.15 0.93 15.49
CA ARG A 161 -15.44 -0.34 15.63
C ARG A 161 -14.13 -0.23 16.37
N TYR A 162 -13.60 1.00 16.52
CA TYR A 162 -12.29 1.26 17.08
C TYR A 162 -12.37 2.35 18.12
N ARG A 163 -13.06 2.05 19.23
CA ARG A 163 -13.20 3.03 20.30
C ARG A 163 -11.88 3.41 20.95
N GLY A 164 -10.85 2.58 20.79
CA GLY A 164 -9.55 2.87 21.36
C GLY A 164 -8.62 3.65 20.47
N HIS A 165 -9.08 4.09 19.27
CA HIS A 165 -8.22 4.79 18.32
C HIS A 165 -9.01 5.91 17.64
N LYS A 166 -8.36 7.05 17.38
CA LYS A 166 -9.03 8.10 16.63
C LYS A 166 -8.98 7.79 15.15
N ILE A 167 -10.14 7.62 14.53
CA ILE A 167 -10.21 7.43 13.08
C ILE A 167 -10.45 8.81 12.52
N THR A 168 -9.40 9.41 11.99
CA THR A 168 -9.47 10.80 11.52
C THR A 168 -9.88 10.89 10.06
N HIS A 169 -10.15 12.12 9.58
CA HIS A 169 -10.46 12.34 8.18
C HIS A 169 -9.26 11.99 7.29
N LYS A 170 -8.04 11.87 7.86
CA LYS A 170 -6.86 11.45 7.09
C LYS A 170 -6.71 9.92 7.03
N MET A 171 -7.72 9.17 7.46
CA MET A 171 -7.78 7.73 7.34
C MET A 171 -9.04 7.39 6.55
N ILE A 172 -9.02 6.23 5.94
CA ILE A 172 -10.17 5.67 5.25
C ILE A 172 -10.23 4.18 5.62
N CYS A 173 -11.42 3.67 5.88
CA CYS A 173 -11.60 2.28 6.28
C CYS A 173 -12.26 1.48 5.19
N ALA A 174 -11.94 0.19 5.15
CA ALA A 174 -12.52 -0.68 4.13
C ALA A 174 -12.59 -2.08 4.68
N GLY A 175 -13.67 -2.78 4.38
CA GLY A 175 -13.85 -4.15 4.82
C GLY A 175 -15.30 -4.52 4.78
N TYR A 176 -15.56 -5.82 4.92
CA TYR A 176 -16.91 -6.34 4.96
C TYR A 176 -17.34 -6.37 6.39
N ARG A 177 -18.56 -5.88 6.68
CA ARG A 177 -19.10 -5.91 8.03
C ARG A 177 -19.16 -7.35 8.50
N GLU A 178 -19.55 -8.28 7.59
CA GLU A 178 -19.63 -9.69 7.93
C GLU A 178 -18.25 -10.41 7.82
N GLY A 179 -17.17 -9.65 7.58
CA GLY A 179 -15.81 -10.15 7.56
C GLY A 179 -15.48 -10.94 6.31
N GLY A 180 -14.25 -11.45 6.30
CA GLY A 180 -13.80 -12.40 5.29
C GLY A 180 -12.74 -12.00 4.28
N LYS A 181 -12.57 -10.70 4.01
CA LYS A 181 -11.60 -10.21 3.03
C LYS A 181 -10.94 -8.99 3.60
N ASP A 182 -9.61 -8.93 3.58
CA ASP A 182 -8.87 -7.80 4.18
C ASP A 182 -7.41 -7.95 3.87
N ALA A 183 -6.65 -6.91 4.14
CA ALA A 183 -5.22 -6.99 4.19
C ALA A 183 -4.80 -7.80 5.45
N CYS A 184 -3.57 -8.29 5.41
CA CYS A 184 -2.99 -8.97 6.55
C CYS A 184 -1.47 -8.78 6.50
N LYS A 185 -0.75 -9.48 7.38
CA LYS A 185 0.68 -9.28 7.55
C LYS A 185 1.45 -9.43 6.24
N GLY A 186 2.23 -8.40 5.89
CA GLY A 186 2.98 -8.37 4.65
C GLY A 186 2.33 -7.57 3.54
N ASP A 187 1.08 -7.13 3.72
CA ASP A 187 0.39 -6.30 2.74
C ASP A 187 0.62 -4.81 2.94
N SER A 188 1.01 -4.39 4.15
CA SER A 188 1.07 -2.97 4.42
C SER A 188 2.03 -2.23 3.53
N GLY A 189 1.70 -0.96 3.32
CA GLY A 189 2.42 -0.11 2.39
C GLY A 189 1.87 -0.17 0.97
N GLY A 190 1.20 -1.25 0.63
CA GLY A 190 0.62 -1.39 -0.68
C GLY A 190 -0.62 -0.53 -0.85
N PRO A 191 -1.16 -0.57 -2.07
CA PRO A 191 -2.30 0.27 -2.42
C PRO A 191 -3.65 -0.32 -2.05
N LEU A 192 -4.58 0.62 -1.83
CA LEU A 192 -6.02 0.41 -1.95
C LEU A 192 -6.36 1.23 -3.22
N SER A 193 -6.59 0.51 -4.31
CA SER A 193 -6.73 1.09 -5.63
C SER A 193 -8.19 1.08 -6.02
N CYS A 194 -8.74 2.24 -6.44
CA CYS A 194 -10.14 2.31 -6.83
C CYS A 194 -10.24 2.79 -8.26
N LYS A 195 -11.03 2.08 -9.08
CA LYS A 195 -11.22 2.45 -10.48
C LYS A 195 -12.46 3.31 -10.57
N HIS A 196 -12.31 4.52 -11.12
CA HIS A 196 -13.38 5.49 -11.16
C HIS A 196 -13.36 6.15 -12.52
N ASN A 197 -14.46 6.05 -13.28
CA ASN A 197 -14.51 6.63 -14.63
C ASN A 197 -13.32 6.18 -15.48
N GLU A 198 -13.04 4.89 -15.39
CA GLU A 198 -12.01 4.19 -16.18
C GLU A 198 -10.59 4.54 -15.84
N VAL A 199 -10.36 5.22 -14.69
CA VAL A 199 -9.02 5.56 -14.27
C VAL A 199 -8.80 5.01 -12.86
N TRP A 200 -7.69 4.32 -12.65
CA TRP A 200 -7.33 3.84 -11.32
C TRP A 200 -6.75 4.99 -10.52
N HIS A 201 -7.18 5.11 -9.26
CA HIS A 201 -6.65 6.10 -8.35
C HIS A 201 -6.17 5.41 -7.06
N LEU A 202 -5.09 5.95 -6.52
CA LEU A 202 -4.49 5.43 -5.29
C LEU A 202 -5.21 6.08 -4.12
N VAL A 203 -6.29 5.43 -3.68
CA VAL A 203 -7.15 6.00 -2.65
C VAL A 203 -6.60 5.80 -1.25
N GLY A 204 -6.01 4.63 -0.99
CA GLY A 204 -5.48 4.34 0.32
C GLY A 204 -4.12 3.68 0.27
N ILE A 205 -3.43 3.73 1.42
CA ILE A 205 -2.22 2.97 1.67
C ILE A 205 -2.55 2.02 2.82
N THR A 206 -2.34 0.73 2.63
CA THR A 206 -2.62 -0.28 3.66
C THR A 206 -1.81 0.01 4.90
N SER A 207 -2.51 0.22 6.05
CA SER A 207 -1.85 0.73 7.24
C SER A 207 -1.99 -0.18 8.46
N TRP A 208 -3.21 -0.42 8.97
CA TRP A 208 -3.34 -1.22 10.19
C TRP A 208 -4.76 -1.74 10.33
N GLY A 209 -4.93 -2.67 11.24
CA GLY A 209 -6.25 -3.15 11.62
C GLY A 209 -6.18 -3.99 12.86
N GLU A 210 -7.30 -4.46 13.38
CA GLU A 210 -7.33 -5.33 14.54
C GLU A 210 -7.63 -6.74 14.06
N GLY A 211 -6.60 -7.59 14.07
CA GLY A 211 -6.67 -8.89 13.44
C GLY A 211 -6.75 -8.72 11.92
N CYS A 212 -7.05 -9.82 11.23
CA CYS A 212 -7.21 -9.81 9.78
C CYS A 212 -8.57 -10.32 9.39
N ALA A 213 -9.36 -9.50 8.69
CA ALA A 213 -10.66 -9.87 8.12
C ALA A 213 -11.72 -10.29 9.12
N GLN A 214 -11.64 -9.75 10.34
CA GLN A 214 -12.64 -10.08 11.35
C GLN A 214 -13.90 -9.31 11.11
N ARG A 215 -15.02 -9.84 11.60
CA ARG A 215 -16.31 -9.16 11.49
C ARG A 215 -16.23 -7.80 12.17
N GLU A 216 -16.82 -6.79 11.54
CA GLU A 216 -16.92 -5.47 12.15
C GLU A 216 -15.57 -4.88 12.56
N ARG A 217 -14.48 -5.24 11.87
CA ARG A 217 -13.16 -4.67 12.15
C ARG A 217 -12.50 -4.36 10.83
N PRO A 218 -12.93 -3.24 10.21
CA PRO A 218 -12.40 -2.94 8.89
C PRO A 218 -10.93 -2.60 8.94
N GLY A 219 -10.26 -2.82 7.82
CA GLY A 219 -8.89 -2.36 7.67
C GLY A 219 -8.86 -0.84 7.60
N VAL A 220 -7.76 -0.27 8.08
CA VAL A 220 -7.56 1.16 8.12
C VAL A 220 -6.39 1.51 7.19
N TYR A 221 -6.64 2.51 6.36
CA TYR A 221 -5.77 2.91 5.28
C TYR A 221 -5.49 4.41 5.38
N THR A 222 -4.28 4.82 5.00
CA THR A 222 -3.98 6.24 4.91
C THR A 222 -4.83 6.82 3.77
N ASN A 223 -5.54 7.92 4.02
CA ASN A 223 -6.44 8.54 3.04
C ASN A 223 -5.61 9.47 2.14
N VAL A 224 -5.17 8.92 1.01
CA VAL A 224 -4.16 9.57 0.18
C VAL A 224 -4.57 10.98 -0.28
N VAL A 225 -5.85 11.18 -0.59
CA VAL A 225 -6.28 12.49 -1.09
C VAL A 225 -5.94 13.62 -0.09
N GLU A 226 -5.91 13.29 1.20
CA GLU A 226 -5.60 14.28 2.23
C GLU A 226 -4.12 14.63 2.32
N TYR A 227 -3.27 13.95 1.53
CA TYR A 227 -1.83 14.16 1.51
C TYR A 227 -1.34 14.57 0.14
N VAL A 228 -2.22 14.91 -0.82
CA VAL A 228 -1.76 15.24 -2.16
C VAL A 228 -0.75 16.39 -2.14
N ASP A 229 -1.01 17.45 -1.36
CA ASP A 229 -0.07 18.57 -1.35
C ASP A 229 1.29 18.17 -0.76
N TRP A 230 1.29 17.35 0.30
CA TRP A 230 2.54 16.86 0.89
C TRP A 230 3.33 16.05 -0.14
N ILE A 231 2.61 15.17 -0.87
CA ILE A 231 3.25 14.36 -1.89
C ILE A 231 3.86 15.24 -2.97
N LEU A 232 3.10 16.24 -3.45
CA LEU A 232 3.62 17.13 -4.49
C LEU A 232 4.84 17.91 -3.99
N GLU A 233 4.77 18.41 -2.75
CA GLU A 233 5.88 19.14 -2.15
C GLU A 233 7.16 18.26 -2.12
N LYS A 234 7.03 17.04 -1.61
CA LYS A 234 8.20 16.20 -1.45
C LYS A 234 8.75 15.72 -2.80
N THR A 235 7.86 15.41 -3.74
CA THR A 235 8.30 14.87 -5.03
C THR A 235 8.93 15.92 -5.93
N GLN A 236 8.75 17.22 -5.64
CA GLN A 236 9.43 18.25 -6.44
C GLN A 236 10.72 18.76 -5.75
N ALA A 237 11.00 18.42 -4.46
CA ALA A 237 12.15 18.97 -3.73
C ALA A 237 13.49 18.57 -4.33
C1 NAG B . 15.00 3.88 -20.23
C2 NAG B . 16.35 3.37 -19.70
C3 NAG B . 17.50 4.04 -20.47
C4 NAG B . 17.32 3.92 -21.97
C5 NAG B . 15.95 4.48 -22.36
C6 NAG B . 15.63 4.39 -23.82
C7 NAG B . 16.07 2.93 -17.26
C8 NAG B . 16.31 3.49 -15.89
N2 NAG B . 16.47 3.70 -18.28
O3 NAG B . 18.74 3.45 -20.09
O4 NAG B . 18.34 4.65 -22.66
O5 NAG B . 14.93 3.74 -21.65
O6 NAG B . 15.57 3.05 -24.26
O7 NAG B . 15.55 1.84 -17.44
H2 NAG B . 16.39 2.41 -19.83
H3 NAG B . 17.54 5.00 -20.25
H4 NAG B . 17.32 2.96 -22.19
H5 NAG B . 15.90 5.42 -22.10
H61 NAG B . 16.35 4.78 -24.37
H62 NAG B . 14.81 4.87 -24.05
H81 NAG B . 15.97 2.93 -15.17
H82 NAG B . 15.87 4.36 -15.80
H83 NAG B . 17.26 3.65 -15.72
HN2 NAG B . 16.83 4.49 -18.11
HO3 NAG B . 18.59 2.64 -19.89
HO4 NAG B . 18.37 4.41 -23.47
HO6 NAG B . 15.30 2.58 -23.61
C13 YXG C . -3.80 -5.59 9.27
C18 YXG C . -2.78 -7.86 11.78
C17 YXG C . 3.23 -6.53 9.17
C16 YXG C . 5.92 -8.75 7.86
C15 YXG C . -4.87 -3.75 7.55
C19 YXG C . -0.75 -5.27 7.52
C20 YXG C . 0.45 -4.71 9.85
C21 YXG C . -1.47 -4.89 8.61
C22 YXG C . 0.64 -5.42 7.57
C23 YXG C . 7.13 -5.87 8.44
C24 YXG C . 4.88 -4.12 9.74
C11 YXG C . 4.78 -8.29 8.70
C12 YXG C . -2.94 -4.76 8.55
C27 YXG C . 2.71 -5.14 8.85
CL1 YXG C . -5.54 -2.56 6.47
CL2 YXG C . -2.74 -8.69 13.28
C3 YXG C . -5.17 -5.52 9.11
C4 YXG C . -5.71 -4.59 8.25
C5 YXG C . 4.44 -8.85 9.92
C6 YXG C . 4.13 -7.13 8.31
C7 YXG C . -3.49 -3.83 7.69
C8 YXG C . 3.50 -8.21 10.71
C9 YXG C . 7.65 -8.85 6.46
C10 YXG C . -3.60 -6.83 11.44
C14 YXG C . 6.86 -7.97 7.20
C25 YXG C . 3.34 -4.08 9.76
C26 YXG C . 5.55 -3.93 8.37
C28 YXG C . 7.02 -4.36 8.28
C29 YXG C . 7.90 -3.65 9.31
C30 YXG C . 5.49 -11.24 7.72
N31 YXG C . 2.90 -7.05 10.36
N32 YXG C . 7.24 -10.09 6.60
N33 YXG C . -2.00 -8.20 10.74
N34 YXG C . -2.28 -7.41 9.74
N35 YXG C . -0.85 -4.59 9.82
N36 YXG C . -3.26 -6.57 10.15
N37 YXG C . 6.19 -10.02 7.47
N38 YXG C . 6.99 -6.56 7.26
N39 YXG C . 1.22 -5.08 8.79
O40 YXG C . 1.35 -5.84 6.64
O41 YXG C . 7.24 -6.43 9.53
F42 YXG C . 4.19 -11.07 7.44
F43 YXG C . 5.59 -11.54 9.02
H52 YXG C . -1.20 -5.48 6.67
H53 YXG C . 0.83 -4.51 10.73
H54 YXG C . 5.19 -4.99 10.08
H55 YXG C . 5.19 -3.43 10.36
H60 YXG C . 3.06 -4.91 7.97
H44 YXG C . -5.78 -6.11 9.60
H45 YXG C . -6.68 -4.53 8.11
H46 YXG C . 4.85 -9.69 10.22
H47 YXG C . 4.29 -6.75 7.43
H48 YXG C . -2.92 -3.22 7.17
H49 YXG C . 3.22 -8.56 11.57
H50 YXG C . 8.42 -8.63 5.88
H51 YXG C . -4.28 -6.37 11.96
H57 YXG C . 3.08 -4.23 10.69
H56 YXG C . 3.05 -3.18 9.51
H58 YXG C . 5.50 -2.99 8.11
H59 YXG C . 5.12 -4.43 7.66
H61 YXG C . 7.34 -4.10 7.40
H64 YXG C . 7.61 -3.88 10.22
H62 YXG C . 7.85 -2.68 9.20
H63 YXG C . 8.83 -3.92 9.19
H65 YXG C . 5.87 -11.98 7.18
H66 YXG C . 7.00 -6.17 6.48
#